data_7HTZ
#
_entry.id   7HTZ
#
_cell.length_a   98.513
_cell.length_b   98.584
_cell.length_c   129.000
_cell.angle_alpha   90.00
_cell.angle_beta   90.00
_cell.angle_gamma   90.00
#
_symmetry.space_group_name_H-M   'I 2 2 2'
#
loop_
_entity.id
_entity.type
_entity.pdbx_description
1 polymer 'Oleoyl-acyl carrier protein thioesterase 1, chloroplastic'
2 non-polymer N-[2-(cyclohex-1-en-1-yl)ethyl]-3,5-dimethyl-1,2-oxazole-4-carboxamide
3 non-polymer 'SULFATE ION'
4 water water
#
_entity_poly.entity_id   1
_entity_poly.type   'polypeptide(L)'
_entity_poly.pdbx_seq_one_letter_code
;MGSLTEDGLSYKEKFVVRSYEVGSNKTATVETIANLLQEVGCNHAQSVGFSTDGFATTTTMRKLHLIWVTARMHIEIYKY
PAWGDVVEIETWCQSEGRIGTRRDWILKDSVTGEVTGRATSKWVMMNQDTRRLQKVSDDVRDEYLVFCPQEPRLAFPEEN
NRSLKKIPKLEDPAQYSMIGLKPRRADLDMNQHVNNVTYIGWVLESIPQEIVDTHELQVITLDYRRECQQDDVVDSLTTT
TSEIGGTNGSATSGTQGHNDSQFLHLLRLSGDGQEINRGTTLWRKKPSSHHHHHH
;
_entity_poly.pdbx_strand_id   A,B
#
loop_
_chem_comp.id
_chem_comp.type
_chem_comp.name
_chem_comp.formula
A1BUA non-polymer N-[2-(cyclohex-1-en-1-yl)ethyl]-3,5-dimethyl-1,2-oxazole-4-carboxamide 'C14 H20 N2 O2'
SO4 non-polymer 'SULFATE ION' 'O4 S -2'
#
# COMPACT_ATOMS: atom_id res chain seq x y z
N GLY A 2 0.14 -19.55 -5.58
CA GLY A 2 1.22 -19.99 -4.72
C GLY A 2 1.03 -21.38 -4.13
N SER A 3 2.14 -22.06 -3.80
CA SER A 3 2.09 -23.40 -3.24
C SER A 3 3.44 -23.81 -2.64
N LEU A 4 3.41 -24.77 -1.70
CA LEU A 4 4.63 -25.35 -1.13
C LEU A 4 5.29 -26.17 -2.28
N THR A 5 6.63 -26.15 -2.36
CA THR A 5 7.35 -26.92 -3.38
C THR A 5 7.19 -28.46 -3.17
N GLU A 6 7.69 -29.28 -4.10
CA GLU A 6 7.61 -30.74 -4.10
C GLU A 6 8.05 -31.42 -2.77
N ASP A 7 9.12 -30.92 -2.14
CA ASP A 7 9.59 -31.48 -0.87
C ASP A 7 8.86 -30.91 0.38
N GLY A 8 8.04 -29.88 0.20
CA GLY A 8 7.32 -29.26 1.30
C GLY A 8 8.18 -28.43 2.25
N LEU A 9 9.46 -28.20 1.91
CA LEU A 9 10.36 -27.45 2.78
C LEU A 9 10.59 -26.00 2.38
N SER A 10 9.78 -25.48 1.41
CA SER A 10 9.81 -24.10 0.94
C SER A 10 8.50 -23.74 0.18
N TYR A 11 8.25 -22.45 -0.05
CA TYR A 11 6.99 -22.00 -0.69
C TYR A 11 7.29 -21.05 -1.83
N LYS A 12 6.52 -21.16 -2.95
CA LYS A 12 6.66 -20.28 -4.12
C LYS A 12 5.36 -19.58 -4.43
N GLU A 13 5.44 -18.35 -4.97
CA GLU A 13 4.27 -17.58 -5.37
C GLU A 13 4.64 -16.59 -6.47
N LYS A 14 3.73 -16.37 -7.42
CA LYS A 14 3.97 -15.43 -8.51
C LYS A 14 3.13 -14.19 -8.31
N PHE A 15 3.67 -13.03 -8.72
CA PHE A 15 2.97 -11.75 -8.61
C PHE A 15 3.10 -10.96 -9.91
N VAL A 16 2.07 -10.22 -10.28
CA VAL A 16 2.14 -9.34 -11.45
C VAL A 16 2.20 -7.95 -10.85
N VAL A 17 3.26 -7.16 -11.15
CA VAL A 17 3.45 -5.81 -10.60
C VAL A 17 2.28 -4.89 -11.00
N ARG A 18 1.63 -4.26 -10.00
CA ARG A 18 0.48 -3.37 -10.19
C ARG A 18 0.86 -1.92 -10.49
N SER A 19 -0.03 -1.22 -11.20
CA SER A 19 0.14 0.17 -11.62
C SER A 19 0.51 1.11 -10.45
N TYR A 20 -0.20 0.98 -9.32
CA TYR A 20 0.03 1.81 -8.13
C TYR A 20 1.25 1.36 -7.27
N GLU A 21 1.85 0.21 -7.59
CA GLU A 21 3.01 -0.34 -6.87
C GLU A 21 4.37 0.19 -7.39
N VAL A 22 4.37 1.04 -8.45
CA VAL A 22 5.60 1.53 -9.07
C VAL A 22 5.89 3.00 -8.72
N GLY A 23 7.16 3.37 -8.79
CA GLY A 23 7.61 4.72 -8.50
C GLY A 23 8.03 5.47 -9.75
N SER A 24 8.96 6.44 -9.61
N SER A 24 8.96 6.43 -9.59
N SER A 24 8.96 6.44 -9.61
CA SER A 24 9.46 7.29 -10.68
CA SER A 24 9.49 7.29 -10.65
CA SER A 24 9.46 7.29 -10.68
C SER A 24 10.10 6.55 -11.86
C SER A 24 10.10 6.55 -11.85
C SER A 24 10.10 6.55 -11.86
N ASN A 25 10.78 5.43 -11.60
CA ASN A 25 11.43 4.66 -12.69
C ASN A 25 10.47 3.80 -13.51
N LYS A 26 9.15 3.83 -13.19
CA LYS A 26 8.17 2.90 -13.76
C LYS A 26 8.44 1.44 -13.28
N THR A 27 9.25 1.29 -12.19
CA THR A 27 9.58 0.02 -11.56
C THR A 27 9.06 -0.01 -10.10
N ALA A 28 8.90 -1.22 -9.56
CA ALA A 28 8.40 -1.42 -8.21
C ALA A 28 9.19 -0.67 -7.15
N THR A 29 8.49 -0.08 -6.18
CA THR A 29 9.14 0.58 -5.06
C THR A 29 9.70 -0.50 -4.10
N VAL A 30 10.64 -0.12 -3.21
CA VAL A 30 11.20 -1.12 -2.27
C VAL A 30 10.13 -1.55 -1.24
N GLU A 31 9.15 -0.69 -0.96
CA GLU A 31 8.08 -1.01 -0.07
C GLU A 31 7.12 -2.03 -0.68
N THR A 32 6.96 -2.02 -2.01
CA THR A 32 6.17 -3.00 -2.74
C THR A 32 6.90 -4.34 -2.65
N ILE A 33 8.22 -4.35 -2.91
CA ILE A 33 9.03 -5.58 -2.83
C ILE A 33 8.92 -6.19 -1.44
N ALA A 34 9.09 -5.37 -0.39
CA ALA A 34 9.03 -5.81 1.00
C ALA A 34 7.63 -6.35 1.36
N ASN A 35 6.57 -5.73 0.81
CA ASN A 35 5.20 -6.19 1.02
C ASN A 35 4.99 -7.54 0.34
N LEU A 36 5.56 -7.74 -0.86
CA LEU A 36 5.47 -9.03 -1.57
C LEU A 36 6.18 -10.15 -0.80
N LEU A 37 7.30 -9.82 -0.12
CA LEU A 37 8.05 -10.78 0.70
C LEU A 37 7.21 -11.21 1.91
N GLN A 38 6.55 -10.25 2.56
CA GLN A 38 5.75 -10.54 3.72
C GLN A 38 4.50 -11.35 3.36
N GLU A 39 3.94 -11.13 2.15
CA GLU A 39 2.77 -11.83 1.62
C GLU A 39 3.07 -13.32 1.40
N VAL A 40 4.20 -13.63 0.74
CA VAL A 40 4.57 -15.01 0.49
C VAL A 40 4.97 -15.72 1.81
N GLY A 41 5.57 -14.99 2.75
CA GLY A 41 5.95 -15.50 4.07
C GLY A 41 4.72 -15.88 4.88
N CYS A 42 3.65 -15.09 4.75
CA CYS A 42 2.38 -15.35 5.41
C CYS A 42 1.69 -16.55 4.78
N ASN A 43 1.70 -16.66 3.45
CA ASN A 43 1.08 -17.80 2.73
C ASN A 43 1.78 -19.13 3.04
N HIS A 44 3.10 -19.08 3.31
CA HIS A 44 3.88 -20.25 3.72
C HIS A 44 3.48 -20.64 5.17
N ALA A 45 3.36 -19.66 6.09
CA ALA A 45 2.89 -19.88 7.47
C ALA A 45 1.52 -20.54 7.49
N GLN A 46 0.61 -20.11 6.60
CA GLN A 46 -0.72 -20.69 6.52
C GLN A 46 -0.70 -22.09 5.95
N SER A 47 0.14 -22.31 4.94
N SER A 47 0.13 -22.31 4.93
N SER A 47 0.14 -22.31 4.94
CA SER A 47 0.28 -23.59 4.27
CA SER A 47 0.22 -23.62 4.30
CA SER A 47 0.28 -23.59 4.27
C SER A 47 0.74 -24.70 5.23
C SER A 47 0.68 -24.71 5.27
C SER A 47 0.74 -24.70 5.23
N VAL A 48 1.48 -24.35 6.29
CA VAL A 48 1.96 -25.35 7.25
C VAL A 48 1.27 -25.32 8.62
N GLY A 49 0.20 -24.53 8.75
CA GLY A 49 -0.54 -24.47 10.01
C GLY A 49 -0.15 -23.47 11.07
N PHE A 50 0.87 -22.63 10.84
CA PHE A 50 1.23 -21.59 11.82
C PHE A 50 0.16 -20.48 11.79
N SER A 51 0.21 -19.53 12.76
CA SER A 51 -0.73 -18.41 12.73
C SER A 51 -0.46 -17.50 11.53
N THR A 52 -1.47 -16.72 11.13
CA THR A 52 -1.33 -15.80 9.99
C THR A 52 -1.46 -14.32 10.39
N ASP A 53 -1.20 -14.02 11.67
CA ASP A 53 -1.31 -12.68 12.24
C ASP A 53 -0.01 -11.85 12.16
N GLY A 54 1.02 -12.38 11.50
CA GLY A 54 2.31 -11.74 11.43
C GLY A 54 3.30 -12.33 12.42
N PHE A 55 2.83 -13.12 13.41
CA PHE A 55 3.70 -13.73 14.43
C PHE A 55 4.07 -15.19 14.18
N ALA A 56 3.47 -15.86 13.19
CA ALA A 56 3.79 -17.25 12.84
C ALA A 56 3.94 -18.21 14.05
N THR A 57 3.01 -18.13 14.98
CA THR A 57 3.00 -18.92 16.20
C THR A 57 2.51 -20.36 16.02
N THR A 58 3.03 -21.28 16.83
CA THR A 58 2.58 -22.68 16.87
C THR A 58 1.63 -22.84 18.08
N THR A 59 0.95 -24.00 18.20
CA THR A 59 0.02 -24.32 19.29
C THR A 59 0.60 -24.09 20.68
N THR A 60 1.80 -24.62 20.94
CA THR A 60 2.42 -24.45 22.24
C THR A 60 2.86 -23.00 22.48
N MET A 61 3.26 -22.28 21.42
N MET A 61 3.26 -22.28 21.42
N MET A 61 3.26 -22.28 21.42
CA MET A 61 3.65 -20.88 21.53
CA MET A 61 3.65 -20.88 21.55
CA MET A 61 3.65 -20.88 21.53
C MET A 61 2.46 -20.04 21.98
C MET A 61 2.45 -20.04 21.99
C MET A 61 2.46 -20.04 21.98
N ARG A 62 1.27 -20.31 21.44
CA ARG A 62 0.05 -19.58 21.82
C ARG A 62 -0.39 -19.89 23.26
N LYS A 63 -0.17 -21.13 23.69
CA LYS A 63 -0.46 -21.58 25.05
C LYS A 63 0.42 -20.78 26.04
N LEU A 64 1.71 -20.54 25.68
CA LEU A 64 2.63 -19.79 26.54
C LEU A 64 2.70 -18.27 26.28
N HIS A 65 1.81 -17.73 25.41
CA HIS A 65 1.78 -16.32 25.01
C HIS A 65 3.09 -15.83 24.36
N LEU A 66 3.72 -16.67 23.55
CA LEU A 66 4.97 -16.38 22.88
C LEU A 66 4.73 -16.07 21.39
N ILE A 67 5.54 -15.17 20.82
CA ILE A 67 5.47 -14.77 19.42
C ILE A 67 6.88 -14.64 18.78
N TRP A 68 6.95 -14.73 17.46
CA TRP A 68 8.17 -14.46 16.70
C TRP A 68 8.12 -12.98 16.28
N VAL A 69 9.21 -12.26 16.47
CA VAL A 69 9.35 -10.86 16.09
C VAL A 69 10.63 -10.67 15.24
N THR A 70 10.60 -9.83 14.20
CA THR A 70 11.78 -9.57 13.37
C THR A 70 12.80 -8.75 14.18
N ALA A 71 14.05 -9.22 14.22
CA ALA A 71 15.13 -8.48 14.88
C ALA A 71 15.97 -7.74 13.82
N ARG A 72 16.22 -8.38 12.68
CA ARG A 72 17.03 -7.79 11.60
C ARG A 72 16.50 -8.19 10.19
N MET A 73 16.60 -7.27 9.23
N MET A 73 16.57 -7.26 9.22
N MET A 73 16.60 -7.27 9.23
CA MET A 73 16.19 -7.45 7.85
CA MET A 73 16.17 -7.50 7.83
CA MET A 73 16.19 -7.45 7.85
C MET A 73 17.36 -7.10 6.92
C MET A 73 17.32 -7.09 6.89
C MET A 73 17.36 -7.10 6.92
N HIS A 74 17.54 -7.84 5.82
CA HIS A 74 18.61 -7.54 4.86
C HIS A 74 18.10 -7.83 3.46
N ILE A 75 17.95 -6.80 2.62
CA ILE A 75 17.46 -7.00 1.24
C ILE A 75 18.48 -6.50 0.20
N GLU A 76 18.76 -7.32 -0.83
CA GLU A 76 19.60 -6.90 -1.96
C GLU A 76 18.81 -7.07 -3.27
N ILE A 77 18.64 -5.96 -4.03
CA ILE A 77 17.89 -5.95 -5.31
C ILE A 77 18.81 -5.62 -6.50
N TYR A 78 18.93 -6.55 -7.46
CA TYR A 78 19.74 -6.36 -8.67
C TYR A 78 18.95 -5.68 -9.78
N LYS A 79 17.67 -6.02 -9.89
CA LYS A 79 16.82 -5.46 -10.94
C LYS A 79 15.41 -5.30 -10.35
N TYR A 80 14.87 -4.08 -10.34
CA TYR A 80 13.51 -3.88 -9.83
C TYR A 80 12.53 -4.25 -10.94
N PRO A 81 11.47 -5.01 -10.65
CA PRO A 81 10.52 -5.38 -11.72
C PRO A 81 9.70 -4.20 -12.26
N ALA A 82 9.39 -4.25 -13.54
CA ALA A 82 8.61 -3.20 -14.19
C ALA A 82 7.07 -3.43 -14.05
N TRP A 83 6.24 -2.41 -14.35
CA TRP A 83 4.80 -2.53 -14.30
C TRP A 83 4.34 -3.61 -15.29
N GLY A 84 3.59 -4.58 -14.81
CA GLY A 84 3.11 -5.69 -15.62
C GLY A 84 4.02 -6.91 -15.62
N ASP A 85 5.21 -6.82 -14.99
CA ASP A 85 6.14 -7.95 -14.95
C ASP A 85 5.69 -9.04 -13.98
N VAL A 86 6.10 -10.27 -14.27
CA VAL A 86 5.80 -11.40 -13.40
C VAL A 86 7.05 -11.79 -12.59
N VAL A 87 6.94 -11.68 -11.28
CA VAL A 87 8.03 -12.03 -10.39
C VAL A 87 7.66 -13.32 -9.66
N GLU A 88 8.65 -14.21 -9.44
CA GLU A 88 8.43 -15.42 -8.68
C GLU A 88 9.24 -15.31 -7.37
N ILE A 89 8.60 -15.50 -6.22
CA ILE A 89 9.31 -15.42 -4.93
C ILE A 89 9.32 -16.77 -4.21
N GLU A 90 10.52 -17.26 -3.84
CA GLU A 90 10.62 -18.50 -3.07
C GLU A 90 11.07 -18.19 -1.63
N THR A 91 10.39 -18.75 -0.61
CA THR A 91 10.73 -18.50 0.78
C THR A 91 10.84 -19.78 1.60
N TRP A 92 11.70 -19.74 2.60
CA TRP A 92 11.89 -20.84 3.52
C TRP A 92 12.36 -20.29 4.88
N CYS A 93 12.13 -21.06 5.94
CA CYS A 93 12.60 -20.68 7.26
C CYS A 93 13.56 -21.73 7.81
N GLN A 94 14.41 -21.34 8.77
CA GLN A 94 15.39 -22.24 9.35
C GLN A 94 15.60 -22.00 10.84
N SER A 95 16.01 -23.05 11.57
CA SER A 95 16.34 -22.98 13.00
C SER A 95 17.75 -22.42 13.17
N GLU A 96 17.92 -21.48 14.08
CA GLU A 96 19.24 -20.94 14.39
C GLU A 96 19.52 -21.29 15.86
N GLY A 97 19.41 -22.58 16.16
CA GLY A 97 19.61 -23.10 17.50
C GLY A 97 18.65 -22.49 18.49
N ARG A 98 19.16 -22.08 19.65
CA ARG A 98 18.29 -21.44 20.66
C ARG A 98 18.26 -19.91 20.54
N ILE A 99 18.88 -19.34 19.47
CA ILE A 99 18.89 -17.90 19.21
C ILE A 99 17.54 -17.45 18.63
N GLY A 100 17.02 -18.24 17.70
CA GLY A 100 15.75 -17.94 17.06
C GLY A 100 15.55 -18.62 15.72
N THR A 101 14.91 -17.92 14.80
CA THR A 101 14.66 -18.42 13.46
C THR A 101 15.20 -17.43 12.40
N ARG A 102 15.28 -17.90 11.17
CA ARG A 102 15.73 -17.11 10.03
C ARG A 102 14.74 -17.34 8.88
N ARG A 103 14.36 -16.30 8.14
CA ARG A 103 13.50 -16.48 6.97
C ARG A 103 14.23 -15.91 5.77
N ASP A 104 14.39 -16.72 4.71
CA ASP A 104 15.06 -16.27 3.49
C ASP A 104 14.14 -16.19 2.27
N TRP A 105 14.46 -15.32 1.33
CA TRP A 105 13.67 -15.14 0.11
C TRP A 105 14.61 -15.03 -1.10
N ILE A 106 14.15 -15.53 -2.26
CA ILE A 106 14.84 -15.40 -3.53
C ILE A 106 13.80 -14.86 -4.50
N LEU A 107 14.11 -13.75 -5.18
CA LEU A 107 13.23 -13.11 -6.15
C LEU A 107 13.77 -13.39 -7.54
N LYS A 108 12.90 -13.84 -8.43
CA LYS A 108 13.30 -14.14 -9.80
C LYS A 108 12.31 -13.51 -10.78
N ASP A 109 12.78 -13.22 -11.99
CA ASP A 109 11.90 -12.75 -13.06
C ASP A 109 11.35 -14.07 -13.63
N SER A 110 10.01 -14.22 -13.71
CA SER A 110 9.43 -15.46 -14.22
C SER A 110 9.72 -15.75 -15.71
N VAL A 111 9.90 -14.70 -16.51
CA VAL A 111 10.16 -14.86 -17.93
C VAL A 111 11.59 -15.39 -18.21
N THR A 112 12.59 -14.89 -17.47
CA THR A 112 13.97 -15.29 -17.68
C THR A 112 14.53 -16.33 -16.69
N GLY A 113 13.90 -16.47 -15.54
CA GLY A 113 14.36 -17.36 -14.48
C GLY A 113 15.59 -16.86 -13.73
N GLU A 114 16.03 -15.61 -14.03
CA GLU A 114 17.20 -14.93 -13.48
C GLU A 114 16.89 -14.39 -12.08
N VAL A 115 17.84 -14.53 -11.12
CA VAL A 115 17.69 -14.02 -9.77
C VAL A 115 17.80 -12.49 -9.77
N THR A 116 16.70 -11.80 -9.47
CA THR A 116 16.68 -10.34 -9.46
C THR A 116 16.75 -9.71 -8.07
N GLY A 117 16.75 -10.52 -7.02
CA GLY A 117 16.82 -10.04 -5.66
C GLY A 117 16.87 -11.16 -4.63
N ARG A 118 17.31 -10.83 -3.41
CA ARG A 118 17.38 -11.82 -2.33
C ARG A 118 17.26 -11.14 -0.97
N ALA A 119 16.70 -11.85 0.02
CA ALA A 119 16.50 -11.27 1.34
C ALA A 119 16.72 -12.27 2.46
N THR A 120 17.07 -11.74 3.63
CA THR A 120 17.26 -12.57 4.81
C THR A 120 16.72 -11.81 6.03
N SER A 121 16.23 -12.53 7.05
CA SER A 121 15.71 -11.90 8.25
C SER A 121 15.90 -12.79 9.45
N LYS A 122 16.28 -12.21 10.60
CA LYS A 122 16.44 -12.96 11.85
C LYS A 122 15.23 -12.68 12.75
N TRP A 123 14.67 -13.71 13.34
CA TRP A 123 13.51 -13.57 14.23
C TRP A 123 13.84 -14.07 15.61
N VAL A 124 13.28 -13.41 16.62
CA VAL A 124 13.50 -13.81 18.00
C VAL A 124 12.20 -14.16 18.68
N MET A 125 12.27 -15.08 19.65
CA MET A 125 11.10 -15.45 20.42
C MET A 125 10.94 -14.50 21.62
N MET A 126 9.69 -14.19 21.95
CA MET A 126 9.39 -13.17 22.94
C MET A 126 8.02 -13.38 23.55
N ASN A 127 7.86 -12.98 24.83
CA ASN A 127 6.53 -13.01 25.45
C ASN A 127 5.79 -11.81 24.88
N GLN A 128 4.63 -12.06 24.33
CA GLN A 128 3.76 -11.06 23.71
C GLN A 128 3.50 -9.78 24.56
N ASP A 129 3.33 -9.95 25.88
CA ASP A 129 2.97 -8.88 26.82
C ASP A 129 4.16 -8.20 27.51
N THR A 130 5.08 -8.99 28.11
CA THR A 130 6.25 -8.41 28.78
C THR A 130 7.34 -7.98 27.79
N ARG A 131 7.28 -8.49 26.55
CA ARG A 131 8.22 -8.20 25.47
C ARG A 131 9.65 -8.70 25.79
N ARG A 132 9.79 -9.63 26.75
CA ARG A 132 11.09 -10.13 27.16
C ARG A 132 11.48 -11.26 26.27
N LEU A 133 12.67 -11.13 25.67
CA LEU A 133 13.17 -12.14 24.76
C LEU A 133 13.58 -13.34 25.57
N GLN A 134 13.22 -14.52 25.08
CA GLN A 134 13.60 -15.75 25.74
C GLN A 134 14.24 -16.72 24.74
N LYS A 135 15.11 -17.60 25.24
CA LYS A 135 15.77 -18.61 24.41
C LYS A 135 14.71 -19.61 23.92
N VAL A 136 14.87 -20.08 22.70
CA VAL A 136 13.94 -21.03 22.10
C VAL A 136 14.06 -22.40 22.80
N SER A 137 12.94 -22.92 23.36
CA SER A 137 12.96 -24.21 24.05
C SER A 137 12.85 -25.40 23.05
N ASP A 138 13.04 -26.65 23.54
CA ASP A 138 12.93 -27.84 22.69
C ASP A 138 11.51 -28.13 22.23
N ASP A 139 10.50 -27.78 23.05
CA ASP A 139 9.10 -28.03 22.68
C ASP A 139 8.73 -27.25 21.42
N VAL A 140 9.15 -25.98 21.37
CA VAL A 140 8.88 -25.10 20.25
C VAL A 140 9.72 -25.52 19.07
N ARG A 141 11.03 -25.73 19.30
CA ARG A 141 11.99 -26.15 18.28
C ARG A 141 11.54 -27.36 17.44
N ASP A 142 10.87 -28.33 18.05
CA ASP A 142 10.39 -29.53 17.36
C ASP A 142 9.11 -29.30 16.57
N GLU A 143 8.27 -28.35 17.01
CA GLU A 143 7.03 -28.04 16.34
C GLU A 143 7.22 -27.30 15.01
N TYR A 144 8.39 -26.71 14.75
CA TYR A 144 8.62 -26.00 13.49
C TYR A 144 9.79 -26.57 12.67
N LEU A 145 10.67 -27.38 13.28
CA LEU A 145 11.79 -27.97 12.55
C LEU A 145 11.35 -28.92 11.45
N VAL A 146 10.15 -29.52 11.57
CA VAL A 146 9.62 -30.41 10.55
C VAL A 146 9.23 -29.64 9.25
N PHE A 147 9.25 -28.31 9.28
CA PHE A 147 8.94 -27.44 8.15
C PHE A 147 10.18 -26.74 7.55
N CYS A 148 11.36 -26.92 8.18
CA CYS A 148 12.60 -26.30 7.77
C CYS A 148 13.49 -27.34 7.11
N PRO A 149 14.27 -26.96 6.07
CA PRO A 149 15.30 -27.90 5.56
C PRO A 149 16.33 -28.16 6.69
N GLN A 150 16.78 -29.42 6.84
CA GLN A 150 17.69 -29.74 7.95
C GLN A 150 19.16 -29.40 7.62
N GLU A 151 19.52 -29.37 6.33
CA GLU A 151 20.81 -28.90 5.87
C GLU A 151 20.72 -27.37 5.63
N PRO A 152 21.79 -26.59 5.92
CA PRO A 152 21.74 -25.15 5.68
C PRO A 152 21.44 -24.73 4.24
N ARG A 153 20.58 -23.75 4.08
CA ARG A 153 20.17 -23.20 2.80
C ARG A 153 20.08 -21.67 3.01
N LEU A 154 21.13 -20.98 2.55
CA LEU A 154 21.30 -19.55 2.75
C LEU A 154 21.11 -18.73 1.51
N ALA A 155 20.25 -17.71 1.55
CA ALA A 155 20.09 -16.80 0.41
C ALA A 155 21.40 -15.98 0.23
N PHE A 156 22.13 -15.69 1.33
CA PHE A 156 23.41 -15.00 1.32
C PHE A 156 24.45 -15.95 1.94
N PRO A 157 24.97 -16.92 1.15
CA PRO A 157 25.91 -17.88 1.74
C PRO A 157 27.31 -17.34 2.02
N GLU A 158 27.73 -16.29 1.29
CA GLU A 158 29.04 -15.62 1.40
C GLU A 158 29.61 -15.57 2.83
N GLU A 159 30.89 -15.98 2.95
CA GLU A 159 31.66 -16.12 4.20
C GLU A 159 31.90 -14.81 5.02
N ASN A 160 31.71 -13.64 4.40
CA ASN A 160 31.86 -12.35 5.08
C ASN A 160 30.95 -11.32 4.36
N ASN A 161 29.65 -11.60 4.32
CA ASN A 161 28.70 -10.76 3.61
C ASN A 161 28.04 -9.67 4.48
N ARG A 162 27.40 -8.70 3.80
CA ARG A 162 26.70 -7.52 4.33
C ARG A 162 25.56 -7.78 5.34
N SER A 163 24.93 -8.97 5.30
CA SER A 163 23.80 -9.28 6.19
C SER A 163 24.18 -9.54 7.64
N LEU A 164 25.49 -9.69 7.94
CA LEU A 164 25.94 -10.01 9.30
C LEU A 164 26.99 -9.02 9.81
N LYS A 165 26.86 -7.73 9.46
CA LYS A 165 27.80 -6.69 9.90
C LYS A 165 27.15 -5.84 10.98
N LYS A 166 27.88 -5.47 12.05
CA LYS A 166 27.31 -4.66 13.13
C LYS A 166 26.99 -3.20 12.71
N ILE A 167 25.77 -2.72 13.02
CA ILE A 167 25.34 -1.36 12.67
C ILE A 167 25.56 -0.37 13.82
N PRO A 168 26.35 0.69 13.58
CA PRO A 168 26.58 1.68 14.64
C PRO A 168 25.45 2.71 14.82
N LYS A 169 25.43 3.38 15.98
CA LYS A 169 24.41 4.40 16.24
C LYS A 169 24.85 5.73 15.64
N LEU A 170 23.94 6.36 14.89
CA LEU A 170 24.20 7.64 14.25
C LEU A 170 24.42 8.74 15.30
N GLU A 171 25.50 9.51 15.16
CA GLU A 171 25.81 10.59 16.08
C GLU A 171 25.29 11.97 15.58
N ASP A 172 24.71 12.77 16.48
CA ASP A 172 24.17 14.07 16.10
C ASP A 172 25.30 15.11 15.92
N PRO A 173 25.20 16.01 14.92
CA PRO A 173 24.07 16.21 14.01
C PRO A 173 24.01 15.30 12.76
N ALA A 174 22.80 14.87 12.42
CA ALA A 174 22.53 14.07 11.24
C ALA A 174 22.63 14.99 10.03
N GLN A 175 23.11 14.48 8.89
CA GLN A 175 23.24 15.31 7.69
C GLN A 175 21.85 15.65 7.11
N TYR A 176 20.94 14.67 7.13
CA TYR A 176 19.58 14.80 6.60
C TYR A 176 18.56 14.29 7.61
N SER A 177 17.35 14.85 7.56
CA SER A 177 16.31 14.44 8.49
C SER A 177 14.89 14.70 7.99
N MET A 178 13.97 13.87 8.45
CA MET A 178 12.57 14.01 8.15
C MET A 178 11.88 13.84 9.48
N ILE A 179 11.20 14.88 9.95
CA ILE A 179 10.58 14.90 11.27
C ILE A 179 9.04 14.76 11.23
N GLY A 180 8.46 14.29 12.32
CA GLY A 180 7.02 14.19 12.49
C GLY A 180 6.30 13.16 11.64
N LEU A 181 6.93 11.99 11.39
CA LEU A 181 6.34 10.91 10.61
C LEU A 181 5.36 10.13 11.47
N LYS A 182 4.17 9.84 10.93
CA LYS A 182 3.14 9.14 11.68
C LYS A 182 2.53 8.04 10.85
N PRO A 183 2.24 6.89 11.45
CA PRO A 183 1.54 5.85 10.70
C PRO A 183 0.05 6.20 10.52
N ARG A 184 -0.55 5.78 9.41
CA ARG A 184 -1.98 5.95 9.24
C ARG A 184 -2.68 4.57 9.33
N ARG A 185 -4.02 4.50 9.30
CA ARG A 185 -4.73 3.21 9.43
C ARG A 185 -4.32 2.19 8.40
N ALA A 186 -3.94 2.66 7.20
CA ALA A 186 -3.46 1.79 6.14
C ALA A 186 -2.15 1.07 6.52
N ASP A 187 -1.36 1.66 7.42
CA ASP A 187 -0.08 1.10 7.89
C ASP A 187 -0.22 0.13 9.08
N LEU A 188 -1.45 -0.19 9.51
CA LEU A 188 -1.67 -1.06 10.66
C LEU A 188 -2.17 -2.43 10.23
N ASP A 189 -1.82 -3.48 10.98
CA ASP A 189 -2.24 -4.85 10.70
C ASP A 189 -3.59 -5.20 11.40
N MET A 190 -3.98 -6.49 11.45
CA MET A 190 -5.23 -6.94 12.08
C MET A 190 -5.31 -6.68 13.57
N ASN A 191 -4.15 -6.61 14.26
CA ASN A 191 -4.08 -6.35 15.71
C ASN A 191 -3.61 -4.93 16.04
N GLN A 192 -3.73 -4.00 15.07
CA GLN A 192 -3.41 -2.57 15.14
C GLN A 192 -1.91 -2.28 15.39
N HIS A 193 -1.04 -3.18 14.97
CA HIS A 193 0.40 -2.97 15.06
C HIS A 193 0.88 -2.35 13.74
N VAL A 194 1.88 -1.47 13.81
CA VAL A 194 2.44 -0.88 12.60
C VAL A 194 3.18 -1.98 11.82
N ASN A 195 2.86 -2.09 10.52
CA ASN A 195 3.42 -3.01 9.54
C ASN A 195 4.93 -2.80 9.49
N ASN A 196 5.72 -3.90 9.43
CA ASN A 196 7.17 -3.87 9.40
C ASN A 196 7.76 -3.11 8.21
N VAL A 197 7.02 -3.07 7.09
CA VAL A 197 7.43 -2.39 5.85
C VAL A 197 7.37 -0.87 5.99
N THR A 198 6.48 -0.34 6.87
CA THR A 198 6.38 1.11 7.08
C THR A 198 7.70 1.66 7.62
N TYR A 199 8.38 0.88 8.49
CA TYR A 199 9.65 1.34 9.05
C TYR A 199 10.72 1.49 7.97
N ILE A 200 10.67 0.64 6.91
CA ILE A 200 11.59 0.72 5.77
C ILE A 200 11.36 2.04 5.04
N GLY A 201 10.09 2.37 4.80
CA GLY A 201 9.71 3.61 4.12
C GLY A 201 10.11 4.84 4.90
N TRP A 202 9.98 4.78 6.23
CA TRP A 202 10.38 5.87 7.11
C TRP A 202 11.89 6.10 7.07
N VAL A 203 12.70 5.03 7.02
CA VAL A 203 14.17 5.14 6.89
C VAL A 203 14.53 5.88 5.61
N LEU A 204 13.88 5.50 4.52
CA LEU A 204 14.18 6.08 3.21
C LEU A 204 13.67 7.51 3.00
N GLU A 205 12.79 8.03 3.88
CA GLU A 205 12.26 9.39 3.82
C GLU A 205 13.33 10.46 4.09
N SER A 206 14.39 10.11 4.85
CA SER A 206 15.46 11.06 5.11
C SER A 206 16.57 11.02 4.05
N ILE A 207 16.42 10.20 2.98
CA ILE A 207 17.36 10.15 1.84
C ILE A 207 16.98 11.35 0.95
N PRO A 208 17.96 12.17 0.53
CA PRO A 208 17.61 13.33 -0.33
C PRO A 208 17.03 12.94 -1.68
N GLN A 209 16.12 13.75 -2.21
CA GLN A 209 15.46 13.47 -3.49
C GLN A 209 16.45 13.36 -4.67
N GLU A 210 17.60 14.03 -4.59
CA GLU A 210 18.60 13.98 -5.64
C GLU A 210 19.25 12.61 -5.75
N ILE A 211 19.49 11.96 -4.59
CA ILE A 211 20.04 10.61 -4.57
C ILE A 211 19.02 9.65 -5.18
N VAL A 212 17.75 9.77 -4.79
CA VAL A 212 16.69 8.90 -5.30
C VAL A 212 16.51 9.02 -6.82
N ASP A 213 16.76 10.22 -7.38
CA ASP A 213 16.60 10.50 -8.80
C ASP A 213 17.81 10.17 -9.69
N THR A 214 18.97 9.95 -9.09
CA THR A 214 20.20 9.61 -9.82
C THR A 214 20.77 8.22 -9.45
N HIS A 215 20.19 7.56 -8.43
CA HIS A 215 20.63 6.27 -7.95
C HIS A 215 19.44 5.33 -7.72
N GLU A 216 19.72 4.02 -7.68
CA GLU A 216 18.76 2.99 -7.31
C GLU A 216 19.24 2.34 -6.01
N LEU A 217 18.32 1.95 -5.12
CA LEU A 217 18.69 1.30 -3.89
C LEU A 217 19.14 -0.16 -4.18
N GLN A 218 20.37 -0.51 -3.77
CA GLN A 218 20.89 -1.84 -4.03
C GLN A 218 20.85 -2.77 -2.82
N VAL A 219 21.19 -2.26 -1.63
CA VAL A 219 21.22 -3.04 -0.40
C VAL A 219 20.62 -2.21 0.73
N ILE A 220 19.85 -2.86 1.62
CA ILE A 220 19.29 -2.25 2.83
C ILE A 220 19.34 -3.25 3.99
N THR A 221 20.02 -2.86 5.07
CA THR A 221 20.08 -3.68 6.28
C THR A 221 19.43 -2.86 7.40
N LEU A 222 18.51 -3.48 8.15
CA LEU A 222 17.80 -2.76 9.18
C LEU A 222 17.66 -3.57 10.47
N ASP A 223 17.91 -2.94 11.62
CA ASP A 223 17.74 -3.55 12.94
C ASP A 223 16.43 -3.02 13.54
N TYR A 224 15.61 -3.89 14.13
CA TYR A 224 14.33 -3.53 14.74
C TYR A 224 14.51 -3.63 16.25
N ARG A 225 14.64 -2.50 16.93
CA ARG A 225 14.92 -2.43 18.36
C ARG A 225 13.66 -2.34 19.23
N ARG A 226 12.68 -1.55 18.79
CA ARG A 226 11.46 -1.27 19.52
C ARG A 226 10.31 -1.05 18.54
N GLU A 227 9.11 -1.40 18.96
CA GLU A 227 7.93 -1.24 18.13
C GLU A 227 7.32 0.16 18.27
N CYS A 228 6.97 0.79 17.14
CA CYS A 228 6.32 2.11 17.11
C CYS A 228 4.80 1.87 17.23
N GLN A 229 4.13 2.58 18.15
CA GLN A 229 2.70 2.42 18.33
C GLN A 229 1.89 3.32 17.39
N GLN A 230 0.57 3.06 17.27
CA GLN A 230 -0.39 3.81 16.46
C GLN A 230 -0.26 5.33 16.67
N ASP A 231 -0.15 5.75 17.94
CA ASP A 231 -0.09 7.16 18.37
C ASP A 231 1.32 7.71 18.53
N ASP A 232 2.35 6.97 18.09
CA ASP A 232 3.73 7.42 18.18
C ASP A 232 4.14 8.25 16.95
N VAL A 233 5.11 9.15 17.13
CA VAL A 233 5.61 10.01 16.07
C VAL A 233 7.10 9.76 15.94
N VAL A 234 7.58 9.55 14.71
CA VAL A 234 8.97 9.17 14.40
C VAL A 234 9.80 10.26 13.69
N ASP A 235 11.09 10.34 14.02
CA ASP A 235 12.04 11.21 13.33
C ASP A 235 13.01 10.27 12.59
N SER A 236 13.26 10.58 11.31
CA SER A 236 14.13 9.79 10.42
C SER A 236 15.47 10.53 10.19
N LEU A 237 16.60 9.91 10.56
CA LEU A 237 17.91 10.56 10.44
C LEU A 237 18.85 9.81 9.49
N THR A 238 19.58 10.54 8.63
CA THR A 238 20.51 9.95 7.64
C THR A 238 21.80 10.75 7.53
N THR A 239 22.95 10.07 7.46
CA THR A 239 24.27 10.69 7.25
C THR A 239 25.03 9.86 6.21
N THR A 240 25.68 10.52 5.25
CA THR A 240 26.48 9.84 4.23
C THR A 240 27.74 9.24 4.87
N THR A 241 28.05 7.98 4.60
CA THR A 241 29.25 7.34 5.15
C THR A 241 30.32 7.03 4.09
N SER A 242 29.94 7.08 2.80
CA SER A 242 30.88 6.83 1.71
C SER A 242 31.71 8.10 1.36
N ASN A 259 31.42 5.32 -7.54
CA ASN A 259 30.16 5.05 -8.23
C ASN A 259 29.00 4.73 -7.28
N ASP A 260 29.32 4.29 -6.05
CA ASP A 260 28.31 3.96 -5.05
C ASP A 260 28.17 5.07 -3.96
N SER A 261 27.07 5.03 -3.19
CA SER A 261 26.80 5.95 -2.07
C SER A 261 26.24 5.14 -0.90
N GLN A 262 26.81 5.29 0.30
CA GLN A 262 26.36 4.58 1.50
C GLN A 262 25.86 5.55 2.55
N PHE A 263 24.87 5.13 3.34
CA PHE A 263 24.33 5.98 4.40
C PHE A 263 24.11 5.18 5.67
N LEU A 264 24.12 5.87 6.80
CA LEU A 264 23.83 5.32 8.12
C LEU A 264 22.47 5.93 8.53
N HIS A 265 21.57 5.11 9.08
CA HIS A 265 20.22 5.57 9.39
C HIS A 265 19.82 5.39 10.84
N LEU A 266 18.87 6.21 11.31
CA LEU A 266 18.35 6.08 12.66
C LEU A 266 16.91 6.54 12.72
N LEU A 267 16.03 5.71 13.26
CA LEU A 267 14.64 6.09 13.51
C LEU A 267 14.50 6.18 15.02
N ARG A 268 13.93 7.28 15.52
CA ARG A 268 13.71 7.44 16.95
C ARG A 268 12.41 8.20 17.22
N LEU A 269 11.87 8.09 18.45
CA LEU A 269 10.64 8.78 18.80
C LEU A 269 10.87 10.28 18.85
N SER A 270 9.94 11.08 18.27
CA SER A 270 10.02 12.54 18.09
C SER A 270 10.46 13.38 19.28
N GLY A 271 10.03 13.01 20.48
CA GLY A 271 10.37 13.79 21.66
C GLY A 271 11.68 13.35 22.28
N ASP A 272 11.56 12.43 23.25
CA ASP A 272 12.62 11.79 24.05
C ASP A 272 13.79 11.22 23.21
N GLY A 273 13.52 10.83 21.98
CA GLY A 273 14.54 10.29 21.11
C GLY A 273 14.85 8.81 21.32
N GLN A 274 13.86 8.04 21.80
CA GLN A 274 13.97 6.59 22.00
C GLN A 274 14.17 5.88 20.66
N GLU A 275 15.27 5.15 20.50
CA GLU A 275 15.55 4.44 19.26
C GLU A 275 14.53 3.35 18.93
N ILE A 276 14.09 3.29 17.67
CA ILE A 276 13.20 2.23 17.22
C ILE A 276 13.94 1.35 16.17
N ASN A 277 14.78 1.97 15.30
CA ASN A 277 15.53 1.28 14.25
C ASN A 277 16.85 1.99 13.94
N ARG A 278 17.77 1.23 13.38
CA ARG A 278 19.02 1.73 12.81
C ARG A 278 19.37 0.85 11.62
N GLY A 279 19.91 1.44 10.56
CA GLY A 279 20.26 0.69 9.37
C GLY A 279 21.31 1.31 8.50
N THR A 280 21.56 0.66 7.35
CA THR A 280 22.50 1.12 6.32
C THR A 280 21.88 0.91 4.94
N THR A 281 22.17 1.81 4.00
CA THR A 281 21.73 1.65 2.61
C THR A 281 22.91 1.85 1.67
N LEU A 282 22.96 1.05 0.60
CA LEU A 282 23.98 1.16 -0.41
C LEU A 282 23.26 1.44 -1.74
N TRP A 283 23.63 2.54 -2.39
CA TRP A 283 22.97 2.97 -3.62
C TRP A 283 23.96 2.93 -4.78
N ARG A 284 23.47 2.55 -5.98
CA ARG A 284 24.31 2.49 -7.18
C ARG A 284 23.87 3.56 -8.17
N LYS A 285 24.82 4.18 -8.90
CA LYS A 285 24.51 5.19 -9.90
C LYS A 285 23.59 4.61 -10.99
N LYS A 286 22.57 5.38 -11.37
CA LYS A 286 21.53 4.99 -12.33
C LYS A 286 22.02 5.24 -13.76
N GLY B 2 -7.10 -10.46 -15.96
CA GLY B 2 -8.03 -9.45 -16.44
C GLY B 2 -8.14 -9.37 -17.95
N SER B 3 -9.30 -8.93 -18.45
CA SER B 3 -9.54 -8.79 -19.87
C SER B 3 -10.79 -7.96 -20.17
N LEU B 4 -10.85 -7.36 -21.38
CA LEU B 4 -12.04 -6.64 -21.84
C LEU B 4 -13.15 -7.72 -22.04
N THR B 5 -14.41 -7.39 -21.72
CA THR B 5 -15.53 -8.32 -21.91
C THR B 5 -15.79 -8.61 -23.41
N GLU B 6 -16.71 -9.54 -23.73
CA GLU B 6 -17.09 -9.97 -25.07
C GLU B 6 -17.41 -8.82 -26.07
N ASP B 7 -18.10 -7.78 -25.62
CA ASP B 7 -18.43 -6.64 -26.49
C ASP B 7 -17.31 -5.57 -26.56
N GLY B 8 -16.29 -5.67 -25.72
CA GLY B 8 -15.18 -4.72 -25.69
C GLY B 8 -15.53 -3.37 -25.09
N LEU B 9 -16.73 -3.23 -24.49
CA LEU B 9 -17.15 -1.95 -23.92
C LEU B 9 -17.02 -1.84 -22.40
N SER B 10 -16.34 -2.82 -21.76
CA SER B 10 -16.03 -2.85 -20.33
C SER B 10 -14.87 -3.84 -20.00
N TYR B 11 -14.30 -3.78 -18.80
CA TYR B 11 -13.12 -4.60 -18.44
C TYR B 11 -13.36 -5.30 -17.12
N LYS B 12 -12.93 -6.57 -16.99
CA LYS B 12 -13.04 -7.35 -15.75
C LYS B 12 -11.70 -7.83 -15.26
N GLU B 13 -11.51 -7.96 -13.95
CA GLU B 13 -10.27 -8.45 -13.36
C GLU B 13 -10.55 -9.07 -11.99
N LYS B 14 -9.84 -10.14 -11.65
CA LYS B 14 -10.01 -10.80 -10.36
C LYS B 14 -8.82 -10.54 -9.47
N PHE B 15 -9.07 -10.42 -8.16
CA PHE B 15 -8.01 -10.17 -7.18
C PHE B 15 -8.16 -11.09 -5.98
N VAL B 16 -7.05 -11.53 -5.40
CA VAL B 16 -7.10 -12.33 -4.17
C VAL B 16 -6.60 -11.38 -3.09
N VAL B 17 -7.42 -11.11 -2.05
CA VAL B 17 -7.06 -10.17 -0.97
C VAL B 17 -5.79 -10.62 -0.24
N ARG B 18 -4.77 -9.74 -0.16
CA ARG B 18 -3.47 -10.02 0.46
C ARG B 18 -3.45 -9.77 1.97
N SER B 19 -2.56 -10.49 2.67
CA SER B 19 -2.39 -10.43 4.12
C SER B 19 -2.18 -9.00 4.65
N TYR B 20 -1.34 -8.21 3.96
CA TYR B 20 -1.05 -6.83 4.37
C TYR B 20 -2.15 -5.80 3.93
N GLU B 21 -3.12 -6.25 3.12
CA GLU B 21 -4.20 -5.39 2.62
C GLU B 21 -5.42 -5.31 3.58
N VAL B 22 -5.39 -6.05 4.71
CA VAL B 22 -6.51 -6.11 5.66
C VAL B 22 -6.26 -5.30 6.92
N GLY B 23 -7.34 -4.86 7.57
CA GLY B 23 -7.28 -4.08 8.80
C GLY B 23 -7.70 -4.89 10.02
N SER B 24 -8.18 -4.21 11.07
CA SER B 24 -8.54 -4.84 12.35
C SER B 24 -9.65 -5.92 12.28
N ASN B 25 -10.58 -5.79 11.34
CA ASN B 25 -11.66 -6.76 11.18
C ASN B 25 -11.29 -7.97 10.31
N LYS B 26 -9.98 -8.14 9.98
CA LYS B 26 -9.50 -9.21 9.10
C LYS B 26 -10.09 -9.09 7.66
N THR B 27 -10.64 -7.90 7.32
CA THR B 27 -11.20 -7.58 6.02
C THR B 27 -10.43 -6.42 5.37
N ALA B 28 -10.52 -6.31 4.04
CA ALA B 28 -9.83 -5.28 3.27
C ALA B 28 -10.11 -3.88 3.76
N THR B 29 -9.07 -3.04 3.80
CA THR B 29 -9.24 -1.64 4.14
C THR B 29 -9.88 -0.90 2.95
N VAL B 30 -10.46 0.29 3.17
CA VAL B 30 -11.08 1.05 2.05
C VAL B 30 -10.00 1.55 1.08
N GLU B 31 -8.76 1.74 1.56
CA GLU B 31 -7.66 2.15 0.73
C GLU B 31 -7.21 1.02 -0.20
N THR B 32 -7.35 -0.24 0.25
CA THR B 32 -7.06 -1.42 -0.57
C THR B 32 -8.12 -1.49 -1.66
N ILE B 33 -9.41 -1.33 -1.30
CA ILE B 33 -10.51 -1.36 -2.28
C ILE B 33 -10.29 -0.29 -3.35
N ALA B 34 -9.99 0.95 -2.93
CA ALA B 34 -9.75 2.07 -3.82
C ALA B 34 -8.54 1.82 -4.75
N ASN B 35 -7.49 1.17 -4.23
CA ASN B 35 -6.31 0.82 -5.01
C ASN B 35 -6.68 -0.23 -6.05
N LEU B 36 -7.54 -1.21 -5.70
CA LEU B 36 -7.99 -2.24 -6.63
C LEU B 36 -8.82 -1.63 -7.77
N LEU B 37 -9.61 -0.57 -7.48
CA LEU B 37 -10.41 0.13 -8.47
C LEU B 37 -9.51 0.85 -9.47
N GLN B 38 -8.45 1.52 -8.99
CA GLN B 38 -7.56 2.24 -9.87
C GLN B 38 -6.70 1.30 -10.71
N GLU B 39 -6.40 0.09 -10.20
CA GLU B 39 -5.63 -0.94 -10.90
C GLU B 39 -6.42 -1.47 -12.11
N VAL B 40 -7.69 -1.81 -11.93
CA VAL B 40 -8.51 -2.31 -13.02
C VAL B 40 -8.81 -1.18 -14.04
N GLY B 41 -8.94 0.06 -13.57
CA GLY B 41 -9.15 1.22 -14.42
C GLY B 41 -7.95 1.49 -15.31
N CYS B 42 -6.75 1.26 -14.79
CA CYS B 42 -5.51 1.41 -15.51
C CYS B 42 -5.35 0.29 -16.54
N ASN B 43 -5.71 -0.95 -16.17
CA ASN B 43 -5.62 -2.10 -17.08
C ASN B 43 -6.60 -1.97 -18.25
N HIS B 44 -7.75 -1.32 -18.04
CA HIS B 44 -8.75 -1.03 -19.07
C HIS B 44 -8.18 0.05 -20.02
N ALA B 45 -7.57 1.12 -19.48
CA ALA B 45 -6.92 2.18 -20.25
C ALA B 45 -5.83 1.61 -21.16
N GLN B 46 -5.05 0.64 -20.66
CA GLN B 46 -4.01 0.01 -21.44
C GLN B 46 -4.57 -0.90 -22.52
N SER B 47 -5.63 -1.66 -22.21
CA SER B 47 -6.23 -2.58 -23.14
C SER B 47 -6.88 -1.87 -24.35
N VAL B 48 -7.18 -0.56 -24.25
CA VAL B 48 -7.76 0.18 -25.37
C VAL B 48 -6.80 1.25 -25.96
N GLY B 49 -5.55 1.28 -25.53
CA GLY B 49 -4.57 2.21 -26.09
C GLY B 49 -4.41 3.57 -25.45
N PHE B 50 -5.13 3.90 -24.38
CA PHE B 50 -4.94 5.19 -23.70
C PHE B 50 -3.62 5.14 -22.91
N SER B 51 -3.18 6.30 -22.35
CA SER B 51 -1.97 6.29 -21.53
C SER B 51 -2.22 5.54 -20.22
N THR B 52 -1.14 5.07 -19.58
CA THR B 52 -1.23 4.35 -18.31
C THR B 52 -0.58 5.08 -17.13
N ASP B 53 -0.45 6.41 -17.25
CA ASP B 53 0.18 7.26 -16.24
C ASP B 53 -0.79 7.81 -15.18
N GLY B 54 -2.04 7.39 -15.21
CA GLY B 54 -3.06 7.90 -14.31
C GLY B 54 -3.96 8.93 -14.98
N PHE B 55 -3.53 9.48 -16.15
CA PHE B 55 -4.31 10.48 -16.88
C PHE B 55 -5.15 9.97 -18.04
N ALA B 56 -5.01 8.70 -18.44
CA ALA B 56 -5.81 8.09 -19.52
C ALA B 56 -5.97 8.95 -20.77
N THR B 57 -4.88 9.55 -21.23
CA THR B 57 -4.85 10.45 -22.39
C THR B 57 -4.90 9.74 -23.74
N THR B 58 -5.48 10.40 -24.74
CA THR B 58 -5.47 9.91 -26.11
C THR B 58 -4.37 10.67 -26.90
N THR B 59 -4.08 10.26 -28.16
CA THR B 59 -3.06 10.87 -29.01
C THR B 59 -3.23 12.39 -29.16
N THR B 60 -4.46 12.86 -29.45
CA THR B 60 -4.70 14.28 -29.63
C THR B 60 -4.62 15.03 -28.29
N MET B 61 -5.00 14.36 -27.17
CA MET B 61 -4.89 14.99 -25.86
C MET B 61 -3.42 15.27 -25.55
N ARG B 62 -2.52 14.31 -25.83
CA ARG B 62 -1.08 14.49 -25.58
C ARG B 62 -0.46 15.59 -26.45
N LYS B 63 -0.96 15.72 -27.69
CA LYS B 63 -0.55 16.76 -28.62
C LYS B 63 -0.91 18.14 -28.03
N LEU B 64 -2.10 18.26 -27.41
CA LEU B 64 -2.53 19.53 -26.82
C LEU B 64 -2.19 19.71 -25.32
N HIS B 65 -1.38 18.82 -24.74
CA HIS B 65 -1.00 18.81 -23.31
C HIS B 65 -2.24 18.76 -22.41
N LEU B 66 -3.22 17.93 -22.77
CA LEU B 66 -4.48 17.79 -22.06
C LEU B 66 -4.50 16.48 -21.27
N ILE B 67 -5.09 16.46 -20.06
CA ILE B 67 -5.21 15.27 -19.21
C ILE B 67 -6.60 15.16 -18.57
N TRP B 68 -6.99 13.93 -18.15
CA TRP B 68 -8.19 13.70 -17.39
C TRP B 68 -7.79 13.72 -15.90
N VAL B 69 -8.54 14.44 -15.06
CA VAL B 69 -8.32 14.53 -13.62
C VAL B 69 -9.65 14.19 -12.88
N THR B 70 -9.59 13.47 -11.77
CA THR B 70 -10.78 13.14 -10.98
C THR B 70 -11.31 14.41 -10.29
N ALA B 71 -12.59 14.71 -10.47
CA ALA B 71 -13.23 15.85 -9.80
C ALA B 71 -14.02 15.34 -8.58
N ARG B 72 -14.62 14.16 -8.68
CA ARG B 72 -15.42 13.60 -7.61
C ARG B 72 -15.38 12.06 -7.61
N MET B 73 -15.50 11.47 -6.42
N MET B 73 -15.47 11.45 -6.42
N MET B 73 -15.50 11.47 -6.42
CA MET B 73 -15.50 10.03 -6.24
CA MET B 73 -15.52 10.00 -6.28
CA MET B 73 -15.50 10.03 -6.23
C MET B 73 -16.67 9.64 -5.30
C MET B 73 -16.64 9.61 -5.31
C MET B 73 -16.67 9.64 -5.30
N HIS B 74 -17.28 8.47 -5.54
CA HIS B 74 -18.36 8.00 -4.69
C HIS B 74 -18.27 6.49 -4.57
N ILE B 75 -18.00 5.96 -3.37
CA ILE B 75 -17.92 4.51 -3.19
C ILE B 75 -18.91 3.98 -2.14
N GLU B 76 -19.61 2.89 -2.45
N GLU B 76 -19.60 2.88 -2.44
N GLU B 76 -19.61 2.89 -2.45
CA GLU B 76 -20.51 2.25 -1.49
CA GLU B 76 -20.51 2.25 -1.49
CA GLU B 76 -20.51 2.25 -1.49
C GLU B 76 -20.14 0.78 -1.35
C GLU B 76 -20.16 0.77 -1.34
C GLU B 76 -20.14 0.78 -1.35
N ILE B 77 -19.78 0.35 -0.13
CA ILE B 77 -19.38 -1.05 0.15
C ILE B 77 -20.38 -1.77 1.07
N TYR B 78 -20.99 -2.87 0.59
CA TYR B 78 -21.95 -3.67 1.37
C TYR B 78 -21.26 -4.73 2.20
N LYS B 79 -20.19 -5.33 1.66
CA LYS B 79 -19.46 -6.37 2.35
C LYS B 79 -17.97 -6.22 1.98
N TYR B 80 -17.10 -6.02 2.98
CA TYR B 80 -15.67 -5.91 2.70
C TYR B 80 -15.11 -7.33 2.53
N PRO B 81 -14.29 -7.58 1.51
CA PRO B 81 -13.75 -8.94 1.34
C PRO B 81 -12.75 -9.36 2.43
N ALA B 82 -12.75 -10.63 2.78
CA ALA B 82 -11.84 -11.17 3.78
C ALA B 82 -10.45 -11.56 3.19
N TRP B 83 -9.44 -11.80 4.06
CA TRP B 83 -8.12 -12.22 3.62
C TRP B 83 -8.23 -13.56 2.87
N GLY B 84 -7.72 -13.62 1.66
CA GLY B 84 -7.79 -14.81 0.83
C GLY B 84 -9.00 -14.89 -0.08
N ASP B 85 -9.94 -13.93 0.03
CA ASP B 85 -11.13 -13.93 -0.81
C ASP B 85 -10.85 -13.49 -2.24
N VAL B 86 -11.65 -13.99 -3.18
CA VAL B 86 -11.54 -13.60 -4.57
C VAL B 86 -12.65 -12.59 -4.94
N VAL B 87 -12.24 -11.40 -5.33
CA VAL B 87 -13.16 -10.35 -5.71
C VAL B 87 -13.05 -10.15 -7.23
N GLU B 88 -14.18 -9.90 -7.91
CA GLU B 88 -14.19 -9.60 -9.33
C GLU B 88 -14.63 -8.15 -9.51
N ILE B 89 -13.84 -7.33 -10.22
CA ILE B 89 -14.20 -5.93 -10.44
C ILE B 89 -14.46 -5.64 -11.94
N GLU B 90 -15.63 -5.08 -12.26
CA GLU B 90 -15.95 -4.69 -13.63
C GLU B 90 -15.96 -3.16 -13.76
N THR B 91 -15.28 -2.60 -14.77
CA THR B 91 -15.22 -1.15 -14.96
C THR B 91 -15.53 -0.73 -16.40
N TRP B 92 -16.09 0.45 -16.52
CA TRP B 92 -16.41 1.04 -17.81
C TRP B 92 -16.40 2.57 -17.68
N CYS B 93 -16.22 3.25 -18.80
CA CYS B 93 -16.26 4.69 -18.83
C CYS B 93 -17.37 5.18 -19.77
N GLN B 94 -17.77 6.45 -19.62
CA GLN B 94 -18.84 7.00 -20.43
C GLN B 94 -18.66 8.49 -20.61
N SER B 95 -19.15 9.03 -21.75
CA SER B 95 -19.13 10.43 -22.09
C SER B 95 -20.23 11.18 -21.35
N GLU B 96 -19.92 12.34 -20.76
CA GLU B 96 -20.92 13.16 -20.10
C GLU B 96 -20.96 14.49 -20.87
N GLY B 97 -21.17 14.39 -22.17
CA GLY B 97 -21.24 15.53 -23.07
C GLY B 97 -19.95 16.33 -23.06
N ARG B 98 -20.06 17.65 -22.97
CA ARG B 98 -18.88 18.51 -22.93
C ARG B 98 -18.36 18.73 -21.49
N ILE B 99 -19.03 18.14 -20.47
CA ILE B 99 -18.64 18.29 -19.07
C ILE B 99 -17.38 17.49 -18.78
N GLY B 100 -17.33 16.25 -19.26
CA GLY B 100 -16.20 15.37 -19.06
C GLY B 100 -16.50 13.90 -19.22
N THR B 101 -15.89 13.09 -18.38
CA THR B 101 -15.98 11.65 -18.38
C THR B 101 -16.52 11.13 -17.05
N ARG B 102 -17.01 9.89 -17.05
CA ARG B 102 -17.46 9.19 -15.85
C ARG B 102 -16.86 7.78 -15.88
N ARG B 103 -16.34 7.27 -14.75
CA ARG B 103 -15.85 5.90 -14.69
C ARG B 103 -16.61 5.19 -13.60
N ASP B 104 -17.24 4.03 -13.92
CA ASP B 104 -17.99 3.25 -12.94
C ASP B 104 -17.37 1.88 -12.65
N TRP B 105 -17.60 1.36 -11.45
CA TRP B 105 -17.08 0.06 -11.04
C TRP B 105 -18.18 -0.74 -10.30
N ILE B 106 -18.15 -2.07 -10.46
CA ILE B 106 -19.03 -2.98 -9.75
C ILE B 106 -18.10 -4.03 -9.13
N LEU B 107 -18.18 -4.23 -7.82
N LEU B 107 -18.18 -4.23 -7.82
N LEU B 107 -18.18 -4.23 -7.82
CA LEU B 107 -17.38 -5.21 -7.11
CA LEU B 107 -17.36 -5.22 -7.13
CA LEU B 107 -17.39 -5.22 -7.10
C LEU B 107 -18.27 -6.40 -6.76
C LEU B 107 -18.26 -6.39 -6.75
C LEU B 107 -18.29 -6.39 -6.78
N LYS B 108 -17.81 -7.61 -7.02
CA LYS B 108 -18.57 -8.81 -6.72
C LYS B 108 -17.67 -9.84 -6.03
N ASP B 109 -18.27 -10.75 -5.25
CA ASP B 109 -17.55 -11.85 -4.63
C ASP B 109 -17.56 -12.90 -5.74
N SER B 110 -16.38 -13.39 -6.16
CA SER B 110 -16.33 -14.37 -7.24
C SER B 110 -17.00 -15.71 -6.93
N VAL B 111 -17.03 -16.11 -5.66
CA VAL B 111 -17.62 -17.38 -5.27
C VAL B 111 -19.16 -17.35 -5.34
N THR B 112 -19.77 -16.23 -4.90
CA THR B 112 -21.23 -16.12 -4.89
C THR B 112 -21.85 -15.33 -6.06
N GLY B 113 -21.06 -14.51 -6.73
CA GLY B 113 -21.55 -13.65 -7.82
C GLY B 113 -22.39 -12.48 -7.35
N GLU B 114 -22.47 -12.27 -6.02
CA GLU B 114 -23.23 -11.22 -5.33
C GLU B 114 -22.47 -9.89 -5.39
N VAL B 115 -23.19 -8.78 -5.64
CA VAL B 115 -22.60 -7.45 -5.68
C VAL B 115 -22.24 -6.98 -4.27
N THR B 116 -20.95 -6.85 -3.97
CA THR B 116 -20.49 -6.44 -2.65
C THR B 116 -20.08 -4.97 -2.55
N GLY B 117 -20.10 -4.24 -3.66
CA GLY B 117 -19.72 -2.84 -3.67
C GLY B 117 -19.88 -2.19 -5.03
N ARG B 118 -19.94 -0.86 -5.07
N ARG B 118 -19.94 -0.85 -5.07
N ARG B 118 -19.94 -0.85 -5.07
CA ARG B 118 -20.04 -0.12 -6.32
CA ARG B 118 -20.04 -0.12 -6.32
CA ARG B 118 -20.05 -0.11 -6.33
C ARG B 118 -19.43 1.27 -6.21
C ARG B 118 -19.43 1.27 -6.21
C ARG B 118 -19.43 1.27 -6.21
N ALA B 119 -18.93 1.81 -7.33
CA ALA B 119 -18.28 3.11 -7.33
C ALA B 119 -18.54 3.92 -8.57
N THR B 120 -18.46 5.24 -8.44
CA THR B 120 -18.64 6.15 -9.56
C THR B 120 -17.64 7.31 -9.41
N SER B 121 -17.20 7.89 -10.52
CA SER B 121 -16.26 9.01 -10.48
C SER B 121 -16.44 9.90 -11.67
N LYS B 122 -16.35 11.24 -11.45
CA LYS B 122 -16.46 12.21 -12.53
C LYS B 122 -15.07 12.75 -12.84
N TRP B 123 -14.72 12.84 -14.13
CA TRP B 123 -13.42 13.33 -14.55
C TRP B 123 -13.58 14.54 -15.42
N VAL B 124 -12.64 15.47 -15.30
CA VAL B 124 -12.68 16.69 -16.10
C VAL B 124 -11.41 16.81 -16.94
N MET B 125 -11.52 17.43 -18.10
CA MET B 125 -10.39 17.63 -18.98
C MET B 125 -9.68 18.96 -18.59
N MET B 126 -8.34 18.96 -18.47
CA MET B 126 -7.60 20.19 -18.15
C MET B 126 -6.21 20.20 -18.81
N ASN B 127 -5.63 21.41 -18.94
CA ASN B 127 -4.28 21.56 -19.45
C ASN B 127 -3.38 21.15 -18.30
N GLN B 128 -2.44 20.22 -18.54
CA GLN B 128 -1.55 19.70 -17.50
C GLN B 128 -0.67 20.75 -16.79
N ASP B 129 -0.35 21.88 -17.45
CA ASP B 129 0.53 22.91 -16.87
C ASP B 129 -0.25 24.09 -16.25
N THR B 130 -1.23 24.67 -16.99
CA THR B 130 -1.99 25.80 -16.46
C THR B 130 -3.09 25.36 -15.49
N ARG B 131 -3.48 24.07 -15.50
CA ARG B 131 -4.55 23.47 -14.69
C ARG B 131 -5.93 24.06 -15.00
N ARG B 132 -6.10 24.69 -16.17
CA ARG B 132 -7.36 25.32 -16.52
C ARG B 132 -8.24 24.32 -17.18
N LEU B 133 -9.48 24.23 -16.71
CA LEU B 133 -10.43 23.27 -17.21
C LEU B 133 -10.91 23.63 -18.59
N GLN B 134 -11.13 22.61 -19.41
CA GLN B 134 -11.64 22.81 -20.75
C GLN B 134 -12.93 22.03 -20.89
N LYS B 135 -13.83 22.55 -21.73
CA LYS B 135 -15.03 21.84 -22.09
C LYS B 135 -14.55 20.81 -23.14
N VAL B 136 -15.00 19.55 -23.05
CA VAL B 136 -14.60 18.51 -23.99
C VAL B 136 -14.96 18.91 -25.45
N SER B 137 -13.94 19.04 -26.32
CA SER B 137 -14.08 19.57 -27.67
C SER B 137 -15.01 18.72 -28.63
N ASP B 138 -14.45 17.91 -29.55
CA ASP B 138 -15.19 17.10 -30.52
C ASP B 138 -14.25 16.03 -31.06
N ASP B 139 -13.00 16.43 -31.39
CA ASP B 139 -12.01 15.46 -31.86
C ASP B 139 -11.55 14.51 -30.75
N VAL B 140 -11.74 14.89 -29.47
CA VAL B 140 -11.38 14.06 -28.33
C VAL B 140 -12.54 13.12 -28.02
N ARG B 141 -13.79 13.62 -28.07
CA ARG B 141 -14.99 12.80 -27.85
C ARG B 141 -15.04 11.58 -28.78
N ASP B 142 -14.56 11.72 -30.02
CA ASP B 142 -14.58 10.64 -31.00
C ASP B 142 -13.47 9.61 -30.80
N GLU B 143 -12.33 10.06 -30.29
CA GLU B 143 -11.21 9.19 -30.03
C GLU B 143 -11.43 8.25 -28.85
N TYR B 144 -12.41 8.54 -27.98
CA TYR B 144 -12.59 7.72 -26.80
C TYR B 144 -14.06 7.22 -26.64
N LEU B 145 -15.03 7.75 -27.40
CA LEU B 145 -16.42 7.28 -27.36
C LEU B 145 -16.56 5.87 -27.98
N VAL B 146 -15.64 5.49 -28.88
CA VAL B 146 -15.67 4.15 -29.46
C VAL B 146 -15.37 3.05 -28.41
N PHE B 147 -14.97 3.43 -27.19
CA PHE B 147 -14.67 2.55 -26.08
C PHE B 147 -15.74 2.57 -24.97
N CYS B 148 -16.75 3.43 -25.10
CA CYS B 148 -17.82 3.61 -24.13
C CYS B 148 -19.10 2.98 -24.67
N PRO B 149 -19.93 2.37 -23.81
CA PRO B 149 -21.28 1.96 -24.26
C PRO B 149 -22.07 3.21 -24.69
N GLN B 150 -22.83 3.17 -25.80
CA GLN B 150 -23.53 4.38 -26.27
C GLN B 150 -24.82 4.66 -25.47
N GLU B 151 -25.46 3.59 -24.94
CA GLU B 151 -26.62 3.67 -24.06
C GLU B 151 -26.11 3.87 -22.62
N PRO B 152 -26.84 4.65 -21.78
CA PRO B 152 -26.41 4.82 -20.37
C PRO B 152 -26.30 3.53 -19.56
N ARG B 153 -25.23 3.41 -18.80
CA ARG B 153 -24.94 2.26 -17.95
C ARG B 153 -24.37 2.84 -16.64
N LEU B 154 -25.24 2.94 -15.62
CA LEU B 154 -24.92 3.56 -14.35
C LEU B 154 -24.77 2.58 -13.21
N ALA B 155 -23.65 2.65 -12.48
CA ALA B 155 -23.48 1.81 -11.27
C ALA B 155 -24.49 2.27 -10.19
N PHE B 156 -24.83 3.58 -10.16
CA PHE B 156 -25.84 4.14 -9.25
C PHE B 156 -26.94 4.77 -10.10
N PRO B 157 -27.88 3.95 -10.62
CA PRO B 157 -28.91 4.49 -11.50
C PRO B 157 -29.99 5.36 -10.85
N GLU B 158 -30.27 5.20 -9.54
CA GLU B 158 -31.29 5.98 -8.80
C GLU B 158 -31.37 7.51 -9.14
N GLU B 159 -32.57 8.02 -9.56
CA GLU B 159 -32.79 9.44 -9.95
C GLU B 159 -32.58 10.42 -8.78
N ASN B 160 -31.37 11.03 -8.72
CA ASN B 160 -30.88 11.98 -7.72
C ASN B 160 -30.63 11.25 -6.38
N ASN B 161 -29.49 10.53 -6.31
CA ASN B 161 -29.04 9.69 -5.18
C ASN B 161 -27.77 10.27 -4.46
N ARG B 162 -27.14 9.51 -3.51
CA ARG B 162 -25.98 9.98 -2.75
C ARG B 162 -24.77 10.48 -3.58
N SER B 163 -24.57 9.92 -4.79
CA SER B 163 -23.42 10.30 -5.62
C SER B 163 -23.52 11.67 -6.29
N LEU B 164 -24.71 12.30 -6.25
CA LEU B 164 -24.94 13.58 -6.92
C LEU B 164 -25.51 14.64 -5.96
N LYS B 165 -25.08 14.63 -4.69
CA LYS B 165 -25.55 15.62 -3.70
C LYS B 165 -24.45 16.65 -3.44
N LYS B 166 -24.81 17.94 -3.32
CA LYS B 166 -23.80 18.98 -3.08
C LYS B 166 -23.14 18.90 -1.68
N ILE B 167 -21.79 18.95 -1.61
CA ILE B 167 -21.05 18.87 -0.34
C ILE B 167 -20.71 20.26 0.22
N PRO B 168 -21.18 20.57 1.44
CA PRO B 168 -20.86 21.90 2.01
C PRO B 168 -19.47 22.01 2.64
N LYS B 169 -18.99 23.24 2.84
CA LYS B 169 -17.70 23.46 3.47
C LYS B 169 -17.83 23.41 4.99
N LEU B 170 -16.95 22.62 5.63
CA LEU B 170 -16.95 22.47 7.09
C LEU B 170 -16.60 23.80 7.77
N GLU B 171 -17.41 24.20 8.74
CA GLU B 171 -17.16 25.45 9.48
C GLU B 171 -16.37 25.22 10.80
N ASP B 172 -15.39 26.09 11.07
CA ASP B 172 -14.57 25.96 12.28
C ASP B 172 -15.34 26.41 13.53
N PRO B 173 -15.20 25.73 14.68
CA PRO B 173 -14.27 24.60 14.94
C PRO B 173 -14.77 23.20 14.55
N ALA B 174 -13.84 22.40 14.00
CA ALA B 174 -14.10 21.01 13.63
C ALA B 174 -14.18 20.19 14.92
N GLN B 175 -15.02 19.16 14.96
CA GLN B 175 -15.15 18.34 16.15
C GLN B 175 -13.90 17.47 16.37
N TYR B 176 -13.34 16.95 15.28
CA TYR B 176 -12.15 16.09 15.29
C TYR B 176 -11.13 16.56 14.26
N SER B 177 -9.85 16.31 14.52
CA SER B 177 -8.80 16.72 13.60
C SER B 177 -7.52 15.92 13.70
N MET B 178 -6.82 15.83 12.59
CA MET B 178 -5.54 15.18 12.53
C MET B 178 -4.64 16.15 11.76
N ILE B 179 -3.61 16.68 12.41
CA ILE B 179 -2.75 17.68 11.79
C ILE B 179 -1.35 17.13 11.36
N GLY B 180 -0.72 17.83 10.43
CA GLY B 180 0.63 17.50 9.96
C GLY B 180 0.79 16.23 9.16
N LEU B 181 -0.20 15.87 8.32
CA LEU B 181 -0.15 14.67 7.48
C LEU B 181 0.71 14.94 6.25
N LYS B 182 1.61 14.02 5.93
CA LYS B 182 2.51 14.19 4.81
C LYS B 182 2.56 12.95 3.98
N PRO B 183 2.61 13.09 2.65
CA PRO B 183 2.79 11.90 1.82
C PRO B 183 4.24 11.39 1.88
N ARG B 184 4.43 10.09 1.76
CA ARG B 184 5.78 9.55 1.66
C ARG B 184 6.04 9.03 0.22
N ARG B 185 7.27 8.59 -0.13
CA ARG B 185 7.56 8.15 -1.51
C ARG B 185 6.65 7.04 -1.98
N ALA B 186 6.18 6.19 -1.06
CA ALA B 186 5.25 5.12 -1.37
C ALA B 186 3.91 5.65 -1.87
N ASP B 187 3.53 6.88 -1.48
CA ASP B 187 2.28 7.53 -1.88
C ASP B 187 2.35 8.29 -3.22
N LEU B 188 3.50 8.25 -3.92
CA LEU B 188 3.68 8.98 -5.16
C LEU B 188 3.65 8.04 -6.37
N ASP B 189 3.16 8.55 -7.51
CA ASP B 189 3.07 7.78 -8.75
C ASP B 189 4.38 7.90 -9.60
N MET B 190 4.36 7.47 -10.90
CA MET B 190 5.52 7.54 -11.79
C MET B 190 5.99 8.96 -12.09
N ASN B 191 5.08 9.95 -12.02
CA ASN B 191 5.40 11.37 -12.28
C ASN B 191 5.46 12.20 -11.00
N GLN B 192 5.66 11.55 -9.83
CA GLN B 192 5.80 12.12 -8.49
C GLN B 192 4.55 12.87 -7.98
N HIS B 193 3.37 12.49 -8.47
CA HIS B 193 2.12 13.06 -8.00
C HIS B 193 1.59 12.18 -6.87
N VAL B 194 0.94 12.80 -5.87
CA VAL B 194 0.33 12.02 -4.78
C VAL B 194 -0.85 11.22 -5.35
N ASN B 195 -0.86 9.92 -5.06
CA ASN B 195 -1.88 8.94 -5.45
C ASN B 195 -3.24 9.41 -4.91
N ASN B 196 -4.30 9.28 -5.73
CA ASN B 196 -5.64 9.70 -5.37
C ASN B 196 -6.22 9.01 -4.14
N VAL B 197 -5.76 7.78 -3.88
CA VAL B 197 -6.20 6.96 -2.74
C VAL B 197 -5.65 7.49 -1.41
N THR B 198 -4.48 8.16 -1.43
CA THR B 198 -3.90 8.74 -0.21
C THR B 198 -4.84 9.78 0.39
N TYR B 199 -5.54 10.55 -0.48
CA TYR B 199 -6.46 11.58 0.01
C TYR B 199 -7.64 10.96 0.77
N ILE B 200 -8.09 9.75 0.36
CA ILE B 200 -9.16 9.00 1.03
C ILE B 200 -8.69 8.65 2.43
N GLY B 201 -7.45 8.14 2.55
CA GLY B 201 -6.88 7.76 3.83
C GLY B 201 -6.73 8.92 4.77
N TRP B 202 -6.34 10.08 4.22
CA TRP B 202 -6.20 11.31 4.99
C TRP B 202 -7.53 11.79 5.54
N VAL B 203 -8.62 11.69 4.76
CA VAL B 203 -9.97 12.04 5.20
C VAL B 203 -10.36 11.19 6.42
N LEU B 204 -10.10 9.89 6.32
CA LEU B 204 -10.48 8.95 7.36
C LEU B 204 -9.63 9.00 8.64
N GLU B 205 -8.46 9.69 8.60
CA GLU B 205 -7.58 9.85 9.76
C GLU B 205 -8.18 10.72 10.87
N SER B 206 -9.11 11.63 10.51
CA SER B 206 -9.77 12.47 11.52
C SER B 206 -11.04 11.81 12.09
N ILE B 207 -11.37 10.56 11.68
CA ILE B 207 -12.50 9.80 12.24
C ILE B 207 -11.98 9.20 13.58
N PRO B 208 -12.73 9.34 14.68
CA PRO B 208 -12.26 8.79 15.96
C PRO B 208 -12.13 7.27 15.96
N GLN B 209 -11.15 6.73 16.70
CA GLN B 209 -10.92 5.30 16.76
C GLN B 209 -12.13 4.49 17.28
N GLU B 210 -12.98 5.10 18.10
CA GLU B 210 -14.15 4.42 18.64
C GLU B 210 -15.19 4.14 17.56
N ILE B 211 -15.35 5.08 16.61
CA ILE B 211 -16.26 4.90 15.48
C ILE B 211 -15.72 3.76 14.61
N VAL B 212 -14.43 3.76 14.32
CA VAL B 212 -13.80 2.73 13.48
C VAL B 212 -13.95 1.33 14.09
N ASP B 213 -13.94 1.23 15.44
CA ASP B 213 -14.02 -0.04 16.16
C ASP B 213 -15.43 -0.57 16.43
N THR B 214 -16.45 0.27 16.24
CA THR B 214 -17.85 -0.11 16.44
C THR B 214 -18.71 0.00 15.16
N HIS B 215 -18.15 0.56 14.09
CA HIS B 215 -18.82 0.78 12.83
C HIS B 215 -17.95 0.37 11.64
N GLU B 216 -18.59 0.12 10.48
CA GLU B 216 -17.93 -0.12 9.21
C GLU B 216 -18.30 1.04 8.27
N LEU B 217 -17.37 1.45 7.40
CA LEU B 217 -17.64 2.51 6.45
C LEU B 217 -18.56 1.97 5.32
N GLN B 218 -19.72 2.62 5.12
CA GLN B 218 -20.65 2.16 4.11
C GLN B 218 -20.63 3.00 2.83
N VAL B 219 -20.55 4.33 2.95
CA VAL B 219 -20.56 5.24 1.81
C VAL B 219 -19.51 6.33 2.04
N ILE B 220 -18.81 6.74 0.97
CA ILE B 220 -17.85 7.83 0.98
C ILE B 220 -17.94 8.63 -0.32
N THR B 221 -18.21 9.93 -0.21
CA THR B 221 -18.26 10.82 -1.35
C THR B 221 -17.16 11.86 -1.15
N LEU B 222 -16.32 12.07 -2.16
CA LEU B 222 -15.20 13.00 -2.03
C LEU B 222 -15.04 13.93 -3.23
N ASP B 223 -14.86 15.22 -3.01
CA ASP B 223 -14.61 16.22 -4.06
C ASP B 223 -13.10 16.51 -4.07
N TYR B 224 -12.47 16.55 -5.24
CA TYR B 224 -11.04 16.83 -5.40
C TYR B 224 -10.92 18.23 -5.98
N ARG B 225 -10.55 19.20 -5.15
CA ARG B 225 -10.48 20.61 -5.54
C ARG B 225 -9.11 21.05 -6.04
N ARG B 226 -8.06 20.57 -5.38
CA ARG B 226 -6.68 20.94 -5.64
C ARG B 226 -5.77 19.76 -5.34
N GLU B 227 -4.65 19.68 -6.07
CA GLU B 227 -3.70 18.60 -5.88
C GLU B 227 -2.67 18.95 -4.79
N CYS B 228 -2.40 18.01 -3.89
CA CYS B 228 -1.41 18.14 -2.83
C CYS B 228 -0.04 17.72 -3.40
N GLN B 229 0.99 18.56 -3.24
CA GLN B 229 2.32 18.24 -3.76
C GLN B 229 3.13 17.39 -2.78
N GLN B 230 4.26 16.80 -3.25
CA GLN B 230 5.21 15.99 -2.49
C GLN B 230 5.58 16.64 -1.15
N ASP B 231 5.87 17.96 -1.19
CA ASP B 231 6.34 18.76 -0.05
C ASP B 231 5.22 19.49 0.71
N ASP B 232 3.95 19.18 0.41
CA ASP B 232 2.84 19.82 1.09
C ASP B 232 2.45 19.05 2.36
N VAL B 233 1.86 19.76 3.33
CA VAL B 233 1.43 19.19 4.60
C VAL B 233 -0.06 19.45 4.74
N VAL B 234 -0.84 18.41 5.09
CA VAL B 234 -2.30 18.44 5.15
C VAL B 234 -2.90 18.36 6.57
N ASP B 235 -4.01 19.07 6.79
CA ASP B 235 -4.77 18.98 8.02
C ASP B 235 -6.11 18.33 7.66
N SER B 236 -6.53 17.33 8.44
CA SER B 236 -7.77 16.55 8.21
C SER B 236 -8.84 16.95 9.26
N LEU B 237 -9.99 17.46 8.82
CA LEU B 237 -11.04 17.93 9.72
C LEU B 237 -12.34 17.12 9.57
N THR B 238 -12.99 16.76 10.70
CA THR B 238 -14.24 15.98 10.70
C THR B 238 -15.23 16.49 11.75
N THR B 239 -16.52 16.59 11.40
CA THR B 239 -17.59 16.96 12.31
C THR B 239 -18.77 16.02 12.08
N THR B 240 -19.39 15.52 13.16
CA THR B 240 -20.55 14.64 13.07
C THR B 240 -21.77 15.44 12.58
N THR B 241 -22.50 14.94 11.59
CA THR B 241 -23.69 15.62 11.07
C THR B 241 -25.00 14.89 11.39
N SER B 242 -24.91 13.62 11.80
CA SER B 242 -26.09 12.83 12.16
C SER B 242 -26.57 13.12 13.61
N ASP B 260 -27.01 4.51 12.26
CA ASP B 260 -26.02 5.10 11.37
C ASP B 260 -25.33 6.36 11.96
N SER B 261 -24.15 6.73 11.41
CA SER B 261 -23.39 7.92 11.80
C SER B 261 -22.87 8.59 10.52
N GLN B 262 -23.09 9.89 10.36
CA GLN B 262 -22.63 10.65 9.21
C GLN B 262 -21.64 11.73 9.61
N PHE B 263 -20.67 12.03 8.76
CA PHE B 263 -19.69 13.07 9.03
C PHE B 263 -19.44 13.94 7.81
N LEU B 264 -19.01 15.18 8.05
CA LEU B 264 -18.62 16.14 7.02
C LEU B 264 -17.08 16.26 7.15
N HIS B 265 -16.37 16.27 6.02
CA HIS B 265 -14.91 16.27 6.04
C HIS B 265 -14.29 17.41 5.27
N LEU B 266 -13.06 17.79 5.66
CA LEU B 266 -12.33 18.84 4.96
C LEU B 266 -10.84 18.58 5.05
N LEU B 267 -10.16 18.58 3.91
CA LEU B 267 -8.70 18.49 3.88
C LEU B 267 -8.23 19.86 3.40
N ARG B 268 -7.25 20.44 4.09
CA ARG B 268 -6.68 21.72 3.69
C ARG B 268 -5.19 21.78 4.01
N LEU B 269 -4.46 22.71 3.36
CA LEU B 269 -3.02 22.85 3.59
C LEU B 269 -2.77 23.39 5.00
N SER B 270 -1.79 22.80 5.73
CA SER B 270 -1.46 23.07 7.14
C SER B 270 -1.36 24.54 7.57
N GLY B 271 -0.81 25.39 6.72
CA GLY B 271 -0.63 26.78 7.09
C GLY B 271 -1.84 27.63 6.75
N ASP B 272 -1.80 28.21 5.53
CA ASP B 272 -2.82 29.07 4.90
C ASP B 272 -4.25 28.50 4.93
N GLY B 273 -4.38 27.18 4.96
CA GLY B 273 -5.69 26.56 5.00
C GLY B 273 -6.37 26.43 3.65
N GLN B 274 -5.58 26.35 2.56
CA GLN B 274 -6.10 26.16 1.20
C GLN B 274 -6.78 24.80 1.07
N GLU B 275 -8.05 24.78 0.70
CA GLU B 275 -8.81 23.53 0.55
C GLU B 275 -8.25 22.62 -0.55
N ILE B 276 -8.14 21.33 -0.26
CA ILE B 276 -7.73 20.36 -1.27
C ILE B 276 -8.91 19.38 -1.53
N ASN B 277 -9.67 19.00 -0.49
CA ASN B 277 -10.81 18.08 -0.59
C ASN B 277 -11.88 18.40 0.45
N ARG B 278 -13.10 17.96 0.16
CA ARG B 278 -14.22 17.96 1.08
C ARG B 278 -15.07 16.73 0.76
N GLY B 279 -15.61 16.09 1.80
CA GLY B 279 -16.42 14.89 1.60
C GLY B 279 -17.40 14.59 2.70
N THR B 280 -18.08 13.44 2.57
CA THR B 280 -19.03 12.93 3.55
C THR B 280 -18.82 11.41 3.70
N THR B 281 -19.02 10.89 4.92
CA THR B 281 -18.97 9.44 5.15
C THR B 281 -20.21 9.00 5.91
N LEU B 282 -20.73 7.82 5.57
CA LEU B 282 -21.87 7.23 6.25
C LEU B 282 -21.40 5.89 6.81
N TRP B 283 -21.55 5.71 8.12
CA TRP B 283 -21.08 4.51 8.81
C TRP B 283 -22.25 3.73 9.38
N ARG B 284 -22.17 2.38 9.34
CA ARG B 284 -23.21 1.48 9.86
C ARG B 284 -22.69 0.77 11.10
N LYS B 285 -23.55 0.57 12.12
CA LYS B 285 -23.15 -0.15 13.33
C LYS B 285 -22.74 -1.60 12.99
N LYS B 286 -21.76 -2.18 13.72
CA LYS B 286 -21.30 -3.55 13.44
C LYS B 286 -22.31 -4.64 13.83
N1 A1BUA C . 3.99 -14.93 8.72
C4 A1BUA C . 3.32 -11.56 7.62
C5 A1BUA C . 5.22 -13.35 7.70
C6 A1BUA C . 6.34 -12.65 7.06
C7 A1BUA C . 7.76 -10.65 6.99
C8 A1BUA C . 7.96 -9.37 7.78
C10 A1BUA C . 8.60 -8.03 5.81
C13 A1BUA C . 10.46 -6.43 7.24
C1 A1BUA C . 6.24 -15.69 8.33
C11 A1BUA C . 9.39 -7.03 5.02
C12 A1BUA C . 10.62 -6.56 5.77
C14 A1BUA C . 9.93 -7.70 7.88
C2 A1BUA C . 5.18 -14.65 8.26
C3 A1BUA C . 3.98 -12.83 7.93
C9 A1BUA C . 8.81 -8.33 7.09
N2 A1BUA C . 6.60 -11.40 7.44
O1 A1BUA C . 3.22 -13.75 8.53
O2 A1BUA C . 7.07 -13.21 6.24
S SO4 D . 9.54 -17.47 10.90
O1 SO4 D . 10.81 -16.84 10.53
O2 SO4 D . 9.73 -18.89 11.21
O3 SO4 D . 9.00 -16.81 12.12
O4 SO4 D . 8.57 -17.39 9.79
N1 A1BUA E . -6.14 5.06 -15.87
C4 A1BUA E . -4.89 4.76 -12.51
C5 A1BUA E . -7.12 4.90 -13.87
C6 A1BUA E . -8.14 4.88 -12.81
C7 A1BUA E . -8.90 5.82 -10.68
C8 A1BUA E . -8.47 6.88 -9.68
C10 A1BUA E . -9.37 5.58 -7.77
C13 A1BUA E . -10.20 7.88 -6.29
C1 A1BUA E . -8.54 5.13 -16.05
C11 A1BUA E . -9.75 5.40 -6.32
C12 A1BUA E . -9.67 6.70 -5.55
C14 A1BUA E . -9.53 8.06 -7.65
C2 A1BUA E . -7.29 5.05 -15.25
C3 A1BUA E . -5.77 4.88 -13.69
C9 A1BUA E . -9.14 6.76 -8.33
N2 A1BUA E . -7.91 5.64 -11.74
O1 A1BUA E . -5.16 4.96 -14.86
O2 A1BUA E . -9.20 4.25 -12.93
S SO4 F . -11.55 7.96 -17.85
O1 SO4 F . -10.60 9.06 -17.64
O2 SO4 F . -10.89 6.66 -17.70
O3 SO4 F . -12.63 8.11 -16.87
O4 SO4 F . -12.09 8.02 -19.23
#